data_2EKU
#
_entry.id   2EKU
#
_cell.length_a   63.768
_cell.length_b   30.517
_cell.length_c   34.434
_cell.angle_alpha   90.00
_cell.angle_beta   105.59
_cell.angle_gamma   90.00
#
_symmetry.space_group_name_H-M   'P 1 21 1'
#
loop_
_entity.id
_entity.type
_entity.pdbx_description
1 polymer Myoglobin
2 non-polymer 'SULFATE ION'
3 non-polymer 7-METHYL-7-DEPROPIONATEHEMIN
4 water water
#
_entity_poly.entity_id   1
_entity_poly.type   'polypeptide(L)'
_entity_poly.pdbx_seq_one_letter_code
;VLSEGEWQLVLHVWAKVEADVAGHGQDILIRLFKSHPETLEKFDRFKHLKTEAEMKASEDLKKHGVTVLTALGAILKKKG
HHEAELKPLAQSHATKHKIPIKYLEFISEAIIHVLHSRHPGDFGADAQGAMNKALELFRKDIAAKYKELGYQG
;
_entity_poly.pdbx_strand_id   A
#
# COMPACT_ATOMS: atom_id res chain seq x y z
N VAL A 1 0.92 18.77 2.73
CA VAL A 1 2.30 18.50 3.15
C VAL A 1 2.40 17.97 4.57
N LEU A 2 3.17 16.89 4.79
CA LEU A 2 3.37 16.43 6.15
C LEU A 2 4.46 17.23 6.86
N SER A 3 4.26 17.45 8.16
CA SER A 3 5.29 18.07 8.98
C SER A 3 6.38 17.06 9.31
N GLU A 4 7.50 17.56 9.81
CA GLU A 4 8.54 16.63 10.24
C GLU A 4 8.04 15.68 11.32
N GLY A 5 7.24 16.22 12.24
CA GLY A 5 6.61 15.43 13.29
C GLY A 5 5.76 14.28 12.76
N GLU A 6 5.01 14.58 11.71
CA GLU A 6 4.16 13.57 11.06
C GLU A 6 5.02 12.52 10.37
N TRP A 7 6.07 12.96 9.67
CA TRP A 7 6.93 11.99 8.99
C TRP A 7 7.58 11.05 10.02
N GLN A 8 8.00 11.60 11.17
CA GLN A 8 8.60 10.73 12.21
C GLN A 8 7.61 9.70 12.70
N LEU A 9 6.33 10.05 12.86
CA LEU A 9 5.35 9.06 13.26
C LEU A 9 5.22 7.96 12.20
N VAL A 10 5.15 8.39 10.93
CA VAL A 10 5.02 7.47 9.81
C VAL A 10 6.21 6.48 9.77
N LEU A 11 7.42 7.01 9.86
CA LEU A 11 8.61 6.19 9.68
C LEU A 11 8.91 5.34 10.92
N HIS A 12 8.44 5.84 12.06
CA HIS A 12 8.61 5.04 13.29
C HIS A 12 7.79 3.78 13.22
N VAL A 13 6.52 3.85 12.79
CA VAL A 13 5.81 2.60 12.61
C VAL A 13 6.28 1.84 11.38
N TRP A 14 6.73 2.52 10.34
CA TRP A 14 7.22 1.72 9.22
C TRP A 14 8.47 0.91 9.58
N ALA A 15 9.41 1.40 10.38
CA ALA A 15 10.62 0.66 10.75
C ALA A 15 10.21 -0.61 11.49
N LYS A 16 9.06 -0.58 12.18
CA LYS A 16 8.51 -1.78 12.75
C LYS A 16 7.94 -2.76 11.71
N VAL A 17 7.20 -2.27 10.72
CA VAL A 17 6.73 -3.11 9.64
C VAL A 17 7.89 -3.90 9.08
N GLU A 18 9.05 -3.26 8.99
CA GLU A 18 10.22 -3.88 8.36
C GLU A 18 10.83 -4.99 9.18
N ALA A 19 10.36 -5.22 10.41
CA ALA A 19 10.79 -6.41 11.14
C ALA A 19 10.12 -7.65 10.57
N ASP A 20 9.04 -7.51 9.80
CA ASP A 20 8.32 -8.66 9.27
C ASP A 20 7.58 -8.21 8.01
N VAL A 21 8.38 -7.87 6.99
CA VAL A 21 7.81 -7.36 5.75
C VAL A 21 6.83 -8.37 5.16
N ALA A 22 7.24 -9.65 5.15
CA ALA A 22 6.41 -10.62 4.45
C ALA A 22 5.09 -10.89 5.14
N GLY A 23 5.08 -10.94 6.47
CA GLY A 23 3.82 -11.19 7.19
C GLY A 23 2.92 -9.97 7.04
N HIS A 24 3.48 -8.76 7.07
CA HIS A 24 2.62 -7.61 6.83
C HIS A 24 2.04 -7.60 5.41
N GLY A 25 2.91 -7.93 4.45
CA GLY A 25 2.42 -7.92 3.07
C GLY A 25 1.34 -8.95 2.86
N GLN A 26 1.46 -10.13 3.48
CA GLN A 26 0.43 -11.15 3.39
C GLN A 26 -0.89 -10.65 3.97
N ASP A 27 -0.81 -10.10 5.17
CA ASP A 27 -2.02 -9.64 5.82
C ASP A 27 -2.69 -8.54 5.01
N ILE A 28 -1.87 -7.62 4.49
CA ILE A 28 -2.43 -6.49 3.72
C ILE A 28 -3.09 -6.93 2.43
N LEU A 29 -2.43 -7.77 1.65
CA LEU A 29 -3.03 -8.21 0.39
C LEU A 29 -4.25 -9.08 0.66
N ILE A 30 -4.18 -9.95 1.69
CA ILE A 30 -5.39 -10.75 1.99
C ILE A 30 -6.55 -9.85 2.41
N ARG A 31 -6.29 -8.83 3.24
CA ARG A 31 -7.34 -7.91 3.64
C ARG A 31 -7.96 -7.25 2.41
N LEU A 32 -7.06 -6.78 1.53
CA LEU A 32 -7.50 -6.08 0.31
C LEU A 32 -8.38 -7.00 -0.53
N PHE A 33 -7.92 -8.25 -0.75
CA PHE A 33 -8.65 -9.17 -1.62
C PHE A 33 -9.99 -9.61 -1.03
N LYS A 34 -10.03 -9.81 0.28
CA LYS A 34 -11.27 -10.20 0.92
C LYS A 34 -12.26 -9.05 1.03
N SER A 35 -11.76 -7.85 1.40
CA SER A 35 -12.68 -6.72 1.54
C SER A 35 -13.15 -6.14 0.21
N HIS A 36 -12.35 -6.31 -0.84
CA HIS A 36 -12.64 -5.74 -2.15
C HIS A 36 -12.28 -6.76 -3.24
N PRO A 37 -13.14 -7.76 -3.47
CA PRO A 37 -12.82 -8.83 -4.40
C PRO A 37 -12.51 -8.35 -5.80
N GLU A 38 -12.97 -7.16 -6.25
CA GLU A 38 -12.59 -6.68 -7.59
C GLU A 38 -11.08 -6.49 -7.71
N THR A 39 -10.38 -6.31 -6.58
CA THR A 39 -8.94 -6.08 -6.65
C THR A 39 -8.23 -7.39 -7.00
N LEU A 40 -8.70 -8.51 -6.44
CA LEU A 40 -8.06 -9.78 -6.70
C LEU A 40 -8.12 -10.10 -8.18
N GLU A 41 -9.25 -9.81 -8.82
CA GLU A 41 -9.40 -10.15 -10.21
C GLU A 41 -8.38 -9.43 -11.11
N LYS A 42 -7.79 -8.31 -10.66
CA LYS A 42 -6.79 -7.58 -11.43
C LYS A 42 -5.46 -8.34 -11.53
N PHE A 43 -5.29 -9.35 -10.68
CA PHE A 43 -4.07 -10.17 -10.64
C PHE A 43 -4.30 -11.53 -11.28
N ASP A 44 -3.91 -11.63 -12.55
CA ASP A 44 -3.83 -12.96 -13.14
C ASP A 44 -3.01 -13.92 -12.27
N ARG A 45 -2.05 -13.38 -11.54
CA ARG A 45 -1.18 -14.20 -10.73
C ARG A 45 -1.90 -14.87 -9.56
N PHE A 46 -2.95 -14.24 -9.07
CA PHE A 46 -3.59 -14.63 -7.83
C PHE A 46 -5.06 -14.97 -7.94
N LYS A 47 -5.66 -14.78 -9.12
CA LYS A 47 -7.12 -14.84 -9.18
C LYS A 47 -7.62 -16.27 -9.03
N HIS A 48 -6.74 -17.28 -9.03
CA HIS A 48 -7.19 -18.63 -8.75
C HIS A 48 -7.49 -18.87 -7.27
N LEU A 49 -7.03 -17.96 -6.42
CA LEU A 49 -7.24 -18.16 -4.97
C LEU A 49 -8.68 -17.83 -4.60
N LYS A 50 -9.33 -18.73 -3.90
CA LYS A 50 -10.76 -18.57 -3.61
C LYS A 50 -11.04 -18.51 -2.10
N THR A 51 -10.15 -18.93 -1.23
CA THR A 51 -10.39 -18.83 0.22
C THR A 51 -9.22 -18.10 0.87
N GLU A 52 -9.49 -17.60 2.08
CA GLU A 52 -8.42 -16.98 2.86
C GLU A 52 -7.32 -17.97 3.13
N ALA A 53 -7.65 -19.22 3.49
CA ALA A 53 -6.60 -20.20 3.75
C ALA A 53 -5.69 -20.42 2.56
N GLU A 54 -6.31 -20.46 1.35
CA GLU A 54 -5.48 -20.62 0.15
C GLU A 54 -4.59 -19.43 -0.05
N MET A 55 -5.10 -18.21 0.17
CA MET A 55 -4.26 -17.03 0.09
C MET A 55 -3.11 -17.11 1.08
N LYS A 56 -3.39 -17.51 2.33
CA LYS A 56 -2.32 -17.57 3.34
C LYS A 56 -1.27 -18.62 2.99
N ALA A 57 -1.67 -19.62 2.23
CA ALA A 57 -0.75 -20.71 1.86
C ALA A 57 0.05 -20.41 0.61
N SER A 58 -0.26 -19.31 -0.08
CA SER A 58 0.42 -19.03 -1.33
C SER A 58 1.76 -18.34 -1.10
N GLU A 59 2.83 -19.05 -1.43
CA GLU A 59 4.17 -18.42 -1.31
C GLU A 59 4.36 -17.29 -2.30
N ASP A 60 3.77 -17.41 -3.49
CA ASP A 60 3.88 -16.33 -4.49
C ASP A 60 3.18 -15.08 -4.01
N LEU A 61 2.07 -15.23 -3.29
CA LEU A 61 1.37 -14.04 -2.76
C LEU A 61 2.26 -13.34 -1.76
N LYS A 62 2.86 -14.13 -0.88
CA LYS A 62 3.81 -13.59 0.11
C LYS A 62 4.97 -12.87 -0.60
N LYS A 63 5.48 -13.45 -1.68
CA LYS A 63 6.56 -12.85 -2.46
C LYS A 63 6.11 -11.49 -2.97
N HIS A 64 4.93 -11.37 -3.58
CA HIS A 64 4.49 -10.10 -4.10
C HIS A 64 4.21 -9.10 -2.97
N GLY A 65 3.74 -9.55 -1.79
CA GLY A 65 3.53 -8.67 -0.66
C GLY A 65 4.85 -7.96 -0.31
N VAL A 66 5.96 -8.68 -0.32
CA VAL A 66 7.26 -8.05 -0.09
C VAL A 66 7.60 -7.03 -1.15
N THR A 67 7.37 -7.39 -2.44
CA THR A 67 7.58 -6.42 -3.52
C THR A 67 6.83 -5.12 -3.29
N VAL A 68 5.57 -5.23 -2.92
CA VAL A 68 4.72 -4.06 -2.71
C VAL A 68 5.21 -3.24 -1.53
N LEU A 69 5.44 -3.85 -0.37
CA LEU A 69 5.83 -3.05 0.78
C LEU A 69 7.24 -2.54 0.65
N THR A 70 8.13 -3.26 -0.04
CA THR A 70 9.46 -2.69 -0.32
C THR A 70 9.34 -1.42 -1.13
N ALA A 71 8.47 -1.41 -2.14
CA ALA A 71 8.34 -0.19 -2.96
C ALA A 71 7.77 0.92 -2.12
N LEU A 72 6.72 0.61 -1.35
CA LEU A 72 6.09 1.64 -0.52
C LEU A 72 7.06 2.20 0.53
N GLY A 73 7.85 1.36 1.16
CA GLY A 73 8.86 1.81 2.11
C GLY A 73 9.86 2.77 1.49
N ALA A 74 10.28 2.46 0.26
CA ALA A 74 11.26 3.36 -0.39
C ALA A 74 10.64 4.73 -0.68
N ILE A 75 9.34 4.71 -0.95
CA ILE A 75 8.60 5.97 -1.17
C ILE A 75 8.50 6.75 0.13
N LEU A 76 8.07 6.09 1.22
CA LEU A 76 7.85 6.80 2.48
C LEU A 76 9.15 7.41 3.00
N LYS A 77 10.26 6.70 2.82
CA LYS A 77 11.53 7.24 3.34
C LYS A 77 12.01 8.46 2.57
N LYS A 78 11.44 8.76 1.41
CA LYS A 78 11.71 10.01 0.73
C LYS A 78 10.98 11.22 1.33
N LYS A 79 10.02 10.95 2.23
CA LYS A 79 9.33 12.06 2.91
C LYS A 79 8.78 13.09 1.92
N GLY A 80 8.10 12.56 0.91
CA GLY A 80 7.47 13.44 -0.07
C GLY A 80 8.26 13.69 -1.32
N HIS A 81 9.57 13.54 -1.27
CA HIS A 81 10.43 13.74 -2.45
C HIS A 81 10.57 12.46 -3.26
N HIS A 82 9.42 11.94 -3.68
CA HIS A 82 9.37 10.60 -4.26
C HIS A 82 9.05 10.58 -5.74
N GLU A 83 9.24 11.69 -6.47
CA GLU A 83 8.85 11.73 -7.88
C GLU A 83 9.44 10.60 -8.71
N ALA A 84 10.71 10.26 -8.51
CA ALA A 84 11.31 9.22 -9.34
C ALA A 84 10.82 7.84 -8.96
N GLU A 85 10.46 7.70 -7.69
CA GLU A 85 9.92 6.39 -7.27
C GLU A 85 8.52 6.20 -7.81
N LEU A 86 7.72 7.29 -7.88
CA LEU A 86 6.37 7.09 -8.37
C LEU A 86 6.25 6.96 -9.87
N LYS A 87 7.16 7.57 -10.62
CA LYS A 87 6.93 7.56 -12.08
C LYS A 87 6.67 6.16 -12.63
N PRO A 88 7.56 5.21 -12.44
CA PRO A 88 7.33 3.90 -13.06
C PRO A 88 6.12 3.18 -12.50
N LEU A 89 5.79 3.41 -11.24
CA LEU A 89 4.66 2.75 -10.57
C LEU A 89 3.36 3.25 -11.15
N ALA A 90 3.21 4.58 -11.26
CA ALA A 90 2.06 5.21 -11.88
C ALA A 90 1.92 4.72 -13.32
N GLN A 91 3.02 4.74 -14.07
CA GLN A 91 2.91 4.32 -15.47
C GLN A 91 2.41 2.88 -15.58
N SER A 92 3.01 1.97 -14.78
CA SER A 92 2.57 0.57 -14.97
C SER A 92 1.16 0.34 -14.48
N HIS A 93 0.83 0.96 -13.34
CA HIS A 93 -0.50 0.65 -12.78
C HIS A 93 -1.61 1.32 -13.58
N ALA A 94 -1.37 2.49 -14.19
CA ALA A 94 -2.37 3.10 -15.05
C ALA A 94 -2.51 2.36 -16.37
N THR A 95 -1.39 2.06 -17.03
CA THR A 95 -1.41 1.67 -18.43
C THR A 95 -1.30 0.17 -18.65
N LYS A 96 -0.61 -0.54 -17.77
CA LYS A 96 -0.52 -1.98 -17.99
C LYS A 96 -1.50 -2.72 -17.09
N HIS A 97 -1.50 -2.43 -15.79
CA HIS A 97 -2.36 -3.21 -14.90
C HIS A 97 -3.77 -2.66 -14.78
N LYS A 98 -3.97 -1.40 -15.10
CA LYS A 98 -5.32 -0.81 -15.10
C LYS A 98 -5.96 -0.80 -13.72
N ILE A 99 -5.26 -0.15 -12.79
CA ILE A 99 -5.67 -0.08 -11.40
C ILE A 99 -6.22 1.29 -11.07
N PRO A 100 -7.54 1.42 -10.89
CA PRO A 100 -8.15 2.70 -10.54
C PRO A 100 -7.58 3.29 -9.26
N ILE A 101 -7.54 4.62 -9.16
CA ILE A 101 -7.05 5.20 -7.92
C ILE A 101 -7.86 4.72 -6.72
N LYS A 102 -9.14 4.43 -6.99
CA LYS A 102 -9.99 3.96 -5.90
C LYS A 102 -9.39 2.72 -5.26
N TYR A 103 -8.76 1.86 -6.10
CA TYR A 103 -8.18 0.62 -5.59
C TYR A 103 -6.92 0.97 -4.80
N LEU A 104 -6.27 2.09 -5.11
CA LEU A 104 -5.16 2.50 -4.25
C LEU A 104 -5.68 2.99 -2.89
N GLU A 105 -6.87 3.57 -2.90
CA GLU A 105 -7.48 3.92 -1.63
C GLU A 105 -7.79 2.66 -0.85
N PHE A 106 -8.27 1.61 -1.53
CA PHE A 106 -8.56 0.35 -0.81
C PHE A 106 -7.31 -0.23 -0.16
N ILE A 107 -6.18 -0.24 -0.88
CA ILE A 107 -5.00 -0.87 -0.27
C ILE A 107 -4.47 0.02 0.84
N SER A 108 -4.63 1.33 0.73
CA SER A 108 -4.27 2.25 1.81
C SER A 108 -5.10 1.91 3.05
N GLU A 109 -6.40 1.65 2.91
CA GLU A 109 -7.19 1.23 4.08
C GLU A 109 -6.69 -0.08 4.67
N ALA A 110 -6.30 -1.03 3.80
CA ALA A 110 -5.81 -2.32 4.32
C ALA A 110 -4.52 -2.13 5.05
N ILE A 111 -3.65 -1.26 4.53
CA ILE A 111 -2.39 -0.99 5.27
C ILE A 111 -2.67 -0.45 6.65
N ILE A 112 -3.54 0.56 6.71
CA ILE A 112 -3.82 1.15 8.03
C ILE A 112 -4.42 0.16 8.99
N HIS A 113 -5.32 -0.69 8.49
CA HIS A 113 -5.92 -1.71 9.33
C HIS A 113 -4.85 -2.66 9.88
N VAL A 114 -3.97 -3.13 8.99
CA VAL A 114 -2.95 -4.07 9.49
C VAL A 114 -1.92 -3.41 10.40
N LEU A 115 -1.50 -2.17 10.19
CA LEU A 115 -0.52 -1.48 11.03
C LEU A 115 -1.13 -1.26 12.40
N HIS A 116 -2.43 -0.93 12.43
CA HIS A 116 -3.10 -0.79 13.74
C HIS A 116 -3.09 -2.13 14.46
N SER A 117 -3.33 -3.23 13.74
CA SER A 117 -3.37 -4.54 14.41
C SER A 117 -2.04 -4.95 15.05
N ARG A 118 -1.01 -4.73 14.24
CA ARG A 118 0.30 -5.22 14.67
C ARG A 118 1.11 -4.23 15.48
N HIS A 119 0.81 -2.96 15.48
CA HIS A 119 1.70 -2.00 16.16
C HIS A 119 0.90 -0.98 16.95
N PRO A 120 -0.04 -1.44 17.76
CA PRO A 120 -0.92 -0.41 18.36
C PRO A 120 -0.10 0.58 19.19
N GLY A 121 0.94 0.17 19.92
CA GLY A 121 1.67 1.12 20.76
C GLY A 121 2.41 2.17 19.95
N ASP A 122 2.63 1.93 18.66
CA ASP A 122 3.30 2.91 17.82
C ASP A 122 2.38 3.37 16.70
N PHE A 123 1.09 3.09 16.87
CA PHE A 123 0.10 3.46 15.84
C PHE A 123 -1.21 3.92 16.48
N GLY A 124 -1.08 4.76 17.49
CA GLY A 124 -2.17 5.53 18.08
C GLY A 124 -2.76 6.50 17.06
N ALA A 125 -3.81 7.23 17.45
CA ALA A 125 -4.50 8.05 16.46
C ALA A 125 -3.58 9.10 15.85
N ASP A 126 -2.63 9.66 16.60
CA ASP A 126 -1.71 10.59 15.93
C ASP A 126 -0.96 9.93 14.78
N ALA A 127 -0.44 8.72 14.99
CA ALA A 127 0.29 7.99 13.96
C ALA A 127 -0.64 7.51 12.85
N GLN A 128 -1.85 7.12 13.19
N GLN A 128 -1.86 7.13 13.20
CA GLN A 128 -2.85 6.78 12.16
CA GLN A 128 -2.88 6.78 12.20
C GLN A 128 -3.10 7.96 11.22
C GLN A 128 -3.18 7.93 11.26
N GLY A 129 -3.33 9.12 11.82
CA GLY A 129 -3.55 10.35 11.05
C GLY A 129 -2.36 10.66 10.15
N ALA A 130 -1.16 10.50 10.70
CA ALA A 130 0.01 10.80 9.88
C ALA A 130 0.15 9.83 8.72
N MET A 131 -0.01 8.53 9.02
CA MET A 131 0.05 7.54 7.97
C MET A 131 -1.02 7.76 6.91
N ASN A 132 -2.23 8.12 7.31
CA ASN A 132 -3.25 8.48 6.35
C ASN A 132 -2.80 9.62 5.47
N LYS A 133 -2.23 10.66 6.03
CA LYS A 133 -1.74 11.80 5.24
C LYS A 133 -0.65 11.35 4.29
N ALA A 134 0.25 10.46 4.73
CA ALA A 134 1.32 10.00 3.82
C ALA A 134 0.72 9.20 2.69
N LEU A 135 -0.29 8.34 2.97
CA LEU A 135 -0.85 7.52 1.89
C LEU A 135 -1.73 8.38 0.97
N GLU A 136 -2.34 9.41 1.55
CA GLU A 136 -3.07 10.39 0.73
C GLU A 136 -2.16 11.11 -0.25
N LEU A 137 -0.98 11.50 0.24
CA LEU A 137 0.03 12.18 -0.57
C LEU A 137 0.47 11.27 -1.72
N PHE A 138 0.74 10.00 -1.43
CA PHE A 138 1.01 8.98 -2.43
C PHE A 138 -0.10 8.96 -3.48
N ARG A 139 -1.36 8.85 -3.04
CA ARG A 139 -2.48 8.75 -3.98
C ARG A 139 -2.61 10.02 -4.84
N LYS A 140 -2.47 11.17 -4.23
CA LYS A 140 -2.56 12.47 -4.91
C LYS A 140 -1.56 12.53 -6.06
N ASP A 141 -0.31 12.15 -5.79
CA ASP A 141 0.74 12.29 -6.80
C ASP A 141 0.55 11.23 -7.87
N ILE A 142 0.11 10.02 -7.48
CA ILE A 142 -0.13 9.05 -8.54
C ILE A 142 -1.29 9.50 -9.42
N ALA A 143 -2.33 10.02 -8.78
CA ALA A 143 -3.51 10.48 -9.49
C ALA A 143 -3.16 11.56 -10.52
N ALA A 144 -2.20 12.44 -10.22
CA ALA A 144 -1.82 13.48 -11.17
C ALA A 144 -1.19 12.82 -12.39
N LYS A 145 -0.41 11.79 -12.17
CA LYS A 145 0.20 11.08 -13.30
C LYS A 145 -0.86 10.30 -14.10
N TYR A 146 -1.84 9.68 -13.46
CA TYR A 146 -2.93 9.00 -14.14
C TYR A 146 -3.65 9.99 -15.05
N LYS A 147 -3.88 11.20 -14.50
CA LYS A 147 -4.68 12.18 -15.24
C LYS A 147 -3.93 12.58 -16.50
N GLU A 148 -2.63 12.83 -16.34
CA GLU A 148 -1.79 13.12 -17.49
C GLU A 148 -1.94 12.05 -18.57
N LEU A 149 -1.92 10.78 -18.16
CA LEU A 149 -2.00 9.67 -19.10
C LEU A 149 -3.41 9.31 -19.57
N GLY A 150 -4.40 10.04 -19.08
CA GLY A 150 -5.78 9.86 -19.52
C GLY A 150 -6.42 8.64 -18.94
N TYR A 151 -5.98 8.22 -17.76
CA TYR A 151 -6.62 7.06 -17.16
C TYR A 151 -7.47 7.44 -15.96
N GLN A 152 -8.64 6.81 -15.80
CA GLN A 152 -9.32 7.04 -14.51
C GLN A 152 -9.82 5.73 -13.95
N GLY A 153 -9.95 5.47 -12.68
CA GLY A 153 -9.77 6.17 -11.46
C GLY A 153 -8.33 6.28 -11.01
#